data_1PQP
#
_entry.id   1PQP
#
_cell.length_a   113.949
_cell.length_b   55.059
_cell.length_c   57.832
_cell.angle_alpha   90.00
_cell.angle_beta   90.00
_cell.angle_gamma   90.00
#
_symmetry.space_group_name_H-M   'P 21 21 2'
#
loop_
_entity.id
_entity.type
_entity.pdbx_description
1 polymer 'Aspartate-semialdehyde dehydrogenase'
2 non-polymer 'PHOSPHATE ION'
3 non-polymer L-HOMOSERINE
4 water water
#
_entity_poly.entity_id   1
_entity_poly.type   'polypeptide(L)'
_entity_poly.pdbx_seq_one_letter_code
;MKNVGFIGWRGMVGSVLMDRMSQENDFENLNPVFFTTSQAGQKAPVFGGKDAGDLKSAFDIEELKKLDIIVTCQGGDYTN
EVYPKLKATGWDGYWVDAASALRMKDDAIIVLDPVNQHVISEGLKKGIKTFVGGNSTVSLMLMAIGGLFEKDLVEWISVA
TYQAASGAGAKNMRELLSQMGLLEQAVSSELKDPASSILDIERKVTAKMRADNFPTDNFGAALGGSLIPWIDKLLPETGQ
TKEEWKGYAETNKILGLSDNPIPVDGLCVRIGALRCHSQAFTIKLKKDLPLEEIEQIIASHNEWVKVIPNDKEITLRELT
PAKVTGTLSVPVGRLRKLAMGPEYLAAFTVGDQLLWGAAEPVRRILKQLVA
;
_entity_poly.pdbx_strand_id   A
#
# COMPACT_ATOMS: atom_id res chain seq x y z
N MET A 1 21.58 -21.19 10.53
CA MET A 1 20.62 -20.48 9.64
C MET A 1 21.07 -19.02 9.47
N LYS A 2 20.40 -18.31 8.57
CA LYS A 2 20.72 -16.91 8.32
C LYS A 2 20.41 -16.08 9.55
N ASN A 3 21.28 -15.13 9.85
CA ASN A 3 21.09 -14.24 10.99
C ASN A 3 20.37 -12.99 10.48
N VAL A 4 19.14 -12.81 10.95
CA VAL A 4 18.29 -11.71 10.52
C VAL A 4 17.94 -10.71 11.63
N GLY A 5 18.27 -9.44 11.40
CA GLY A 5 17.96 -8.43 12.37
C GLY A 5 16.66 -7.72 12.01
N PHE A 6 15.86 -7.39 13.02
CA PHE A 6 14.59 -6.70 12.78
C PHE A 6 14.57 -5.34 13.50
N ILE A 7 14.22 -4.30 12.75
CA ILE A 7 14.15 -2.95 13.30
C ILE A 7 12.73 -2.39 13.05
N GLY A 8 12.21 -1.63 14.01
CA GLY A 8 10.88 -1.06 13.85
C GLY A 8 9.78 -2.12 13.87
N TRP A 9 10.06 -3.25 14.49
CA TRP A 9 9.10 -4.36 14.58
C TRP A 9 7.93 -4.09 15.51
N ARG A 10 8.04 -3.03 16.31
CA ARG A 10 6.98 -2.65 17.25
C ARG A 10 5.99 -1.63 16.68
N GLY A 11 6.33 -1.03 15.54
CA GLY A 11 5.43 -0.03 14.95
C GLY A 11 4.22 -0.72 14.35
N MET A 12 3.37 0.04 13.67
CA MET A 12 2.18 -0.57 13.09
C MET A 12 2.53 -1.56 11.98
N VAL A 13 3.31 -1.13 10.99
CA VAL A 13 3.70 -2.04 9.92
C VAL A 13 4.53 -3.20 10.48
N GLY A 14 5.49 -2.88 11.34
CA GLY A 14 6.32 -3.92 11.93
C GLY A 14 5.47 -4.94 12.68
N SER A 15 4.43 -4.46 13.35
CA SER A 15 3.54 -5.33 14.11
C SER A 15 2.79 -6.30 13.21
N VAL A 16 2.33 -5.80 12.06
CA VAL A 16 1.62 -6.64 11.12
C VAL A 16 2.60 -7.69 10.60
N LEU A 17 3.81 -7.25 10.29
CA LEU A 17 4.84 -8.15 9.80
C LEU A 17 5.11 -9.27 10.81
N MET A 18 5.28 -8.90 12.08
CA MET A 18 5.54 -9.89 13.13
C MET A 18 4.40 -10.90 13.25
N ASP A 19 3.17 -10.40 13.17
CA ASP A 19 2.00 -11.28 13.27
C ASP A 19 1.94 -12.25 12.11
N ARG A 20 2.13 -11.73 10.89
CA ARG A 20 2.11 -12.55 9.69
C ARG A 20 3.24 -13.60 9.71
N MET A 21 4.41 -13.19 10.17
CA MET A 21 5.54 -14.12 10.23
C MET A 21 5.25 -15.25 11.23
N SER A 22 4.62 -14.90 12.34
CA SER A 22 4.29 -15.90 13.35
C SER A 22 3.25 -16.87 12.79
N GLN A 23 2.16 -16.32 12.25
CA GLN A 23 1.11 -17.15 11.66
C GLN A 23 1.66 -18.13 10.63
N GLU A 24 2.68 -17.72 9.89
CA GLU A 24 3.27 -18.57 8.88
C GLU A 24 4.49 -19.36 9.37
N ASN A 25 4.79 -19.23 10.66
CA ASN A 25 5.94 -19.93 11.26
C ASN A 25 7.26 -19.58 10.57
N ASP A 26 7.40 -18.33 10.14
CA ASP A 26 8.60 -17.88 9.45
C ASP A 26 9.84 -17.85 10.33
N PHE A 27 9.67 -17.75 11.64
CA PHE A 27 10.82 -17.69 12.52
C PHE A 27 11.57 -19.01 12.70
N GLU A 28 10.95 -20.11 12.27
CA GLU A 28 11.59 -21.42 12.41
C GLU A 28 12.76 -21.59 11.46
N ASN A 29 12.76 -20.83 10.37
CA ASN A 29 13.82 -20.97 9.37
C ASN A 29 14.93 -19.92 9.43
N LEU A 30 14.97 -19.14 10.50
CA LEU A 30 16.01 -18.11 10.62
C LEU A 30 16.32 -17.79 12.09
N ASN A 31 17.42 -17.09 12.30
CA ASN A 31 17.86 -16.69 13.64
C ASN A 31 17.62 -15.18 13.79
N PRO A 32 16.52 -14.81 14.46
CA PRO A 32 16.15 -13.40 14.66
C PRO A 32 16.87 -12.66 15.78
N VAL A 33 17.25 -11.42 15.48
CA VAL A 33 17.91 -10.55 16.44
C VAL A 33 17.07 -9.27 16.42
N PHE A 34 16.56 -8.87 17.58
CA PHE A 34 15.72 -7.68 17.65
C PHE A 34 16.45 -6.44 18.14
N PHE A 35 16.19 -5.32 17.46
CA PHE A 35 16.83 -4.07 17.80
C PHE A 35 15.81 -3.04 18.26
N THR A 36 16.30 -2.02 18.96
CA THR A 36 15.43 -0.95 19.45
C THR A 36 16.20 0.37 19.41
N THR A 37 15.46 1.48 19.43
CA THR A 37 16.06 2.81 19.42
C THR A 37 16.01 3.34 20.87
N SER A 38 15.33 2.60 21.73
CA SER A 38 15.20 3.00 23.12
C SER A 38 16.49 2.83 23.91
N GLN A 39 16.66 3.68 24.91
CA GLN A 39 17.83 3.64 25.79
C GLN A 39 17.33 3.15 27.14
N ALA A 40 16.06 2.80 27.18
CA ALA A 40 15.42 2.32 28.40
C ALA A 40 15.54 0.80 28.54
N LEU A 55 17.57 -7.26 23.26
CA LEU A 55 17.42 -6.11 22.31
C LEU A 55 18.73 -5.35 22.13
N LYS A 56 19.21 -5.27 20.89
CA LYS A 56 20.44 -4.55 20.57
C LYS A 56 20.05 -3.14 20.14
N SER A 57 21.02 -2.24 20.10
CA SER A 57 20.77 -0.86 19.70
C SER A 57 20.67 -0.77 18.19
N ALA A 58 19.58 -0.17 17.71
CA ALA A 58 19.37 -0.02 16.27
C ALA A 58 20.41 0.89 15.63
N PHE A 59 21.21 1.56 16.47
CA PHE A 59 22.23 2.48 15.98
C PHE A 59 23.64 1.96 16.24
N ASP A 60 23.77 0.67 16.50
CA ASP A 60 25.07 0.06 16.75
C ASP A 60 25.56 -0.63 15.48
N ILE A 61 26.25 0.13 14.63
CA ILE A 61 26.75 -0.40 13.35
C ILE A 61 27.51 -1.72 13.43
N GLU A 62 28.31 -1.90 14.46
CA GLU A 62 29.07 -3.13 14.59
C GLU A 62 28.15 -4.32 14.85
N GLU A 63 27.06 -4.10 15.58
CA GLU A 63 26.12 -5.17 15.86
C GLU A 63 25.33 -5.54 14.61
N LEU A 64 25.04 -4.53 13.79
CA LEU A 64 24.30 -4.73 12.55
C LEU A 64 25.18 -5.39 11.49
N LYS A 65 26.47 -5.09 11.56
CA LYS A 65 27.44 -5.62 10.61
C LYS A 65 27.57 -7.14 10.67
N LYS A 66 27.26 -7.72 11.82
CA LYS A 66 27.37 -9.17 11.96
C LYS A 66 26.15 -9.94 11.49
N LEU A 67 25.13 -9.22 11.00
CA LEU A 67 23.91 -9.85 10.52
C LEU A 67 23.98 -10.13 9.02
N ASP A 68 23.27 -11.16 8.59
CA ASP A 68 23.22 -11.55 7.18
C ASP A 68 22.16 -10.72 6.45
N ILE A 69 21.07 -10.42 7.16
CA ILE A 69 19.96 -9.66 6.60
C ILE A 69 19.36 -8.72 7.64
N ILE A 70 18.98 -7.53 7.18
CA ILE A 70 18.36 -6.54 8.04
C ILE A 70 16.99 -6.22 7.46
N VAL A 71 15.96 -6.36 8.28
CA VAL A 71 14.60 -6.07 7.88
C VAL A 71 14.15 -4.87 8.71
N THR A 72 13.90 -3.75 8.06
CA THR A 72 13.49 -2.56 8.78
C THR A 72 12.13 -2.01 8.38
N CYS A 73 11.33 -1.69 9.38
CA CYS A 73 10.02 -1.08 9.19
C CYS A 73 10.09 0.17 10.04
N GLN A 74 11.31 0.59 10.34
CA GLN A 74 11.54 1.77 11.17
C GLN A 74 11.21 3.06 10.43
N GLY A 75 11.50 3.13 9.14
CA GLY A 75 11.19 4.34 8.40
C GLY A 75 12.34 4.93 7.61
N GLY A 76 12.04 5.97 6.85
CA GLY A 76 13.05 6.62 6.02
C GLY A 76 14.16 7.34 6.75
N ASP A 77 13.80 8.12 7.77
CA ASP A 77 14.80 8.86 8.55
C ASP A 77 15.82 7.89 9.13
N TYR A 78 15.34 6.77 9.66
CA TYR A 78 16.23 5.76 10.22
C TYR A 78 17.14 5.24 9.11
N THR A 79 16.53 4.78 8.03
CA THR A 79 17.28 4.25 6.91
C THR A 79 18.38 5.19 6.43
N ASN A 80 17.98 6.42 6.05
CA ASN A 80 18.94 7.39 5.55
C ASN A 80 20.08 7.64 6.52
N GLU A 81 19.85 7.39 7.80
CA GLU A 81 20.89 7.57 8.80
C GLU A 81 21.82 6.37 8.91
N VAL A 82 21.27 5.23 9.30
CA VAL A 82 22.06 4.00 9.50
C VAL A 82 22.57 3.27 8.25
N TYR A 83 21.74 3.21 7.21
CA TYR A 83 22.12 2.52 5.99
C TYR A 83 23.48 2.92 5.42
N PRO A 84 23.65 4.21 5.08
CA PRO A 84 24.95 4.65 4.54
C PRO A 84 26.12 4.19 5.40
N LYS A 85 26.03 4.46 6.71
CA LYS A 85 27.08 4.08 7.64
C LYS A 85 27.41 2.60 7.56
N LEU A 86 26.39 1.74 7.56
CA LEU A 86 26.59 0.30 7.50
C LEU A 86 27.28 -0.19 6.22
N LYS A 87 26.81 0.26 5.07
CA LYS A 87 27.43 -0.18 3.83
C LYS A 87 28.80 0.47 3.70
N ALA A 88 29.03 1.51 4.50
CA ALA A 88 30.30 2.23 4.49
C ALA A 88 31.38 1.44 5.23
N THR A 89 30.99 0.36 5.88
CA THR A 89 31.95 -0.46 6.62
C THR A 89 32.31 -1.72 5.86
N GLY A 90 31.73 -1.88 4.68
CA GLY A 90 32.02 -3.05 3.87
C GLY A 90 30.93 -4.11 3.95
N TRP A 91 30.11 -4.06 5.00
CA TRP A 91 29.01 -5.01 5.21
C TRP A 91 28.41 -5.44 3.87
N ASP A 92 28.39 -6.75 3.62
CA ASP A 92 27.87 -7.26 2.36
C ASP A 92 26.55 -8.03 2.49
N GLY A 93 25.75 -7.70 3.50
CA GLY A 93 24.48 -8.39 3.68
C GLY A 93 23.31 -7.76 2.94
N TYR A 94 22.12 -8.32 3.14
CA TYR A 94 20.93 -7.81 2.49
C TYR A 94 20.17 -6.82 3.36
N TRP A 95 19.57 -5.83 2.72
CA TRP A 95 18.80 -4.82 3.42
C TRP A 95 17.38 -4.87 2.86
N VAL A 96 16.44 -5.28 3.71
CA VAL A 96 15.03 -5.36 3.33
C VAL A 96 14.36 -4.19 4.06
N ASP A 97 13.74 -3.31 3.30
CA ASP A 97 13.14 -2.10 3.88
C ASP A 97 11.70 -1.87 3.42
N ALA A 98 10.86 -1.39 4.32
CA ALA A 98 9.47 -1.10 3.97
C ALA A 98 9.37 0.37 3.54
N ALA A 99 10.26 1.19 4.07
CA ALA A 99 10.28 2.63 3.78
C ALA A 99 10.61 2.93 2.31
N SER A 100 10.16 4.08 1.83
CA SER A 100 10.39 4.49 0.45
C SER A 100 11.78 5.07 0.19
N ALA A 101 12.49 5.40 1.27
CA ALA A 101 13.82 5.98 1.18
C ALA A 101 14.69 5.52 0.01
N LEU A 102 14.88 4.21 -0.14
CA LEU A 102 15.77 3.70 -1.19
C LEU A 102 15.17 3.09 -2.44
N ARG A 103 13.85 3.07 -2.55
CA ARG A 103 13.19 2.48 -3.71
C ARG A 103 13.76 2.92 -5.05
N MET A 104 14.05 4.20 -5.21
CA MET A 104 14.55 4.70 -6.48
C MET A 104 16.06 4.72 -6.67
N LYS A 105 16.77 3.91 -5.89
CA LYS A 105 18.23 3.83 -6.02
C LYS A 105 18.55 2.79 -7.07
N ASP A 106 19.69 2.96 -7.76
CA ASP A 106 20.09 2.02 -8.81
C ASP A 106 20.47 0.64 -8.30
N ASP A 107 20.98 0.56 -7.07
CA ASP A 107 21.38 -0.72 -6.52
C ASP A 107 20.27 -1.38 -5.68
N ALA A 108 19.04 -0.92 -5.86
CA ALA A 108 17.91 -1.48 -5.11
C ALA A 108 16.77 -1.92 -6.03
N ILE A 109 16.00 -2.90 -5.56
CA ILE A 109 14.87 -3.41 -6.31
C ILE A 109 13.61 -3.31 -5.47
N ILE A 110 12.49 -2.93 -6.09
CA ILE A 110 11.23 -2.82 -5.38
C ILE A 110 10.55 -4.17 -5.51
N VAL A 111 10.24 -4.79 -4.38
CA VAL A 111 9.64 -6.12 -4.38
C VAL A 111 8.12 -6.22 -4.31
N LEU A 112 7.61 -7.19 -5.04
CA LEU A 112 6.20 -7.56 -5.13
C LEU A 112 6.26 -8.84 -5.95
N ASP A 113 6.88 -9.87 -5.36
CA ASP A 113 7.12 -11.16 -6.01
C ASP A 113 6.00 -11.80 -6.82
N PRO A 114 4.73 -11.71 -6.39
CA PRO A 114 3.71 -12.35 -7.22
C PRO A 114 3.63 -11.65 -8.58
N VAL A 115 4.17 -10.44 -8.65
CA VAL A 115 4.14 -9.66 -9.88
C VAL A 115 5.48 -9.59 -10.60
N ASN A 116 6.56 -9.29 -9.89
CA ASN A 116 7.87 -9.17 -10.50
C ASN A 116 8.93 -10.16 -9.99
N GLN A 117 8.54 -11.42 -9.82
CA GLN A 117 9.49 -12.42 -9.34
C GLN A 117 10.71 -12.48 -10.26
N HIS A 118 10.48 -12.53 -11.57
CA HIS A 118 11.59 -12.61 -12.52
C HIS A 118 12.54 -11.42 -12.38
N VAL A 119 11.99 -10.27 -11.96
CA VAL A 119 12.80 -9.09 -11.77
C VAL A 119 13.65 -9.26 -10.52
N ILE A 120 13.07 -9.91 -9.51
CA ILE A 120 13.75 -10.15 -8.25
C ILE A 120 14.90 -11.16 -8.41
N SER A 121 14.64 -12.24 -9.11
CA SER A 121 15.64 -13.29 -9.33
C SER A 121 16.88 -12.77 -10.04
N GLU A 122 16.70 -11.99 -11.10
CA GLU A 122 17.81 -11.43 -11.85
C GLU A 122 18.66 -10.54 -10.96
N GLY A 123 17.99 -9.79 -10.07
CA GLY A 123 18.71 -8.91 -9.18
C GLY A 123 19.58 -9.64 -8.19
N LEU A 124 19.10 -10.79 -7.72
CA LEU A 124 19.86 -11.59 -6.77
C LEU A 124 21.14 -12.09 -7.42
N LYS A 125 21.14 -12.13 -8.75
CA LYS A 125 22.29 -12.60 -9.51
C LYS A 125 23.23 -11.43 -9.80
N LYS A 126 22.65 -10.30 -10.22
CA LYS A 126 23.44 -9.11 -10.53
C LYS A 126 24.18 -8.66 -9.26
N GLY A 127 23.80 -9.25 -8.12
CA GLY A 127 24.44 -8.92 -6.87
C GLY A 127 23.67 -7.92 -6.04
N ILE A 128 22.41 -7.67 -6.42
CA ILE A 128 21.57 -6.72 -5.70
C ILE A 128 21.41 -7.17 -4.25
N LYS A 129 21.71 -6.26 -3.31
CA LYS A 129 21.61 -6.57 -1.89
C LYS A 129 20.54 -5.77 -1.16
N THR A 130 19.88 -4.86 -1.86
CA THR A 130 18.84 -4.03 -1.25
C THR A 130 17.49 -4.25 -1.93
N PHE A 131 16.49 -4.63 -1.12
CA PHE A 131 15.13 -4.87 -1.62
C PHE A 131 14.13 -4.06 -0.79
N VAL A 132 13.29 -3.30 -1.48
CA VAL A 132 12.33 -2.43 -0.81
C VAL A 132 10.88 -2.65 -1.19
N GLY A 133 10.01 -2.66 -0.17
CA GLY A 133 8.59 -2.83 -0.43
C GLY A 133 8.13 -1.64 -1.24
N GLY A 134 7.10 -1.81 -2.05
CA GLY A 134 6.64 -0.70 -2.87
C GLY A 134 5.49 0.11 -2.32
N ASN A 135 5.21 1.22 -3.01
CA ASN A 135 4.12 2.11 -2.67
C ASN A 135 2.87 1.25 -2.52
N SER A 136 2.09 1.48 -1.46
CA SER A 136 0.88 0.69 -1.22
C SER A 136 -0.11 0.71 -2.37
N THR A 137 -0.45 1.90 -2.84
CA THR A 137 -1.40 2.06 -3.95
C THR A 137 -0.94 1.31 -5.20
N VAL A 138 0.32 1.51 -5.58
CA VAL A 138 0.83 0.83 -6.77
C VAL A 138 0.83 -0.70 -6.58
N SER A 139 1.28 -1.16 -5.42
CA SER A 139 1.32 -2.59 -5.14
C SER A 139 -0.05 -3.24 -5.20
N LEU A 140 -1.05 -2.56 -4.63
CA LEU A 140 -2.41 -3.09 -4.63
C LEU A 140 -3.00 -3.07 -6.04
N MET A 141 -2.56 -2.13 -6.87
CA MET A 141 -3.05 -2.05 -8.23
C MET A 141 -2.52 -3.27 -9.00
N LEU A 142 -1.21 -3.47 -8.93
CA LEU A 142 -0.54 -4.56 -9.62
C LEU A 142 -1.03 -5.94 -9.19
N MET A 143 -1.36 -6.10 -7.92
CA MET A 143 -1.86 -7.39 -7.44
C MET A 143 -3.24 -7.61 -8.04
N ALA A 144 -3.91 -6.53 -8.42
CA ALA A 144 -5.26 -6.63 -8.98
C ALA A 144 -5.27 -6.87 -10.48
N ILE A 145 -4.57 -6.02 -11.22
CA ILE A 145 -4.54 -6.12 -12.67
C ILE A 145 -3.19 -6.54 -13.23
N GLY A 146 -2.42 -7.27 -12.44
CA GLY A 146 -1.11 -7.71 -12.90
C GLY A 146 -1.16 -8.41 -14.25
N GLY A 147 -2.19 -9.21 -14.46
CA GLY A 147 -2.31 -9.93 -15.72
C GLY A 147 -2.21 -9.07 -16.96
N LEU A 148 -2.94 -7.95 -16.98
CA LEU A 148 -2.92 -7.05 -18.12
C LEU A 148 -1.51 -6.57 -18.42
N PHE A 149 -0.72 -6.32 -17.37
CA PHE A 149 0.65 -5.89 -17.57
C PHE A 149 1.51 -7.07 -18.00
N GLU A 150 1.14 -8.26 -17.53
CA GLU A 150 1.87 -9.48 -17.83
C GLU A 150 1.80 -9.83 -19.32
N LYS A 151 0.96 -9.11 -20.05
CA LYS A 151 0.80 -9.36 -21.48
C LYS A 151 1.00 -8.11 -22.32
N ASP A 152 1.66 -7.11 -21.75
CA ASP A 152 1.93 -5.84 -22.43
C ASP A 152 0.65 -5.39 -23.13
N LEU A 153 -0.47 -5.56 -22.43
CA LEU A 153 -1.78 -5.21 -22.97
C LEU A 153 -2.25 -3.83 -22.51
N VAL A 154 -1.45 -3.18 -21.67
CA VAL A 154 -1.79 -1.86 -21.14
C VAL A 154 -1.01 -0.71 -21.76
N GLU A 155 -1.72 0.25 -22.35
CA GLU A 155 -1.10 1.42 -22.96
C GLU A 155 -0.94 2.51 -21.91
N TRP A 156 -1.95 2.64 -21.05
CA TRP A 156 -1.90 3.61 -19.96
C TRP A 156 -3.07 3.36 -19.03
N ILE A 157 -3.02 3.97 -17.84
CA ILE A 157 -4.07 3.82 -16.85
C ILE A 157 -4.28 5.12 -16.08
N SER A 158 -5.53 5.53 -16.00
CA SER A 158 -5.91 6.73 -15.27
C SER A 158 -6.45 6.21 -13.94
N VAL A 159 -5.98 6.78 -12.84
CA VAL A 159 -6.41 6.32 -11.53
C VAL A 159 -7.06 7.36 -10.64
N ALA A 160 -8.01 6.89 -9.84
CA ALA A 160 -8.72 7.70 -8.86
C ALA A 160 -8.71 6.79 -7.62
N THR A 161 -8.02 7.20 -6.57
CA THR A 161 -7.95 6.36 -5.37
C THR A 161 -8.85 6.81 -4.22
N TYR A 162 -9.18 5.85 -3.35
CA TYR A 162 -10.00 6.05 -2.15
C TYR A 162 -9.11 5.43 -1.09
N GLN A 163 -8.15 6.22 -0.60
CA GLN A 163 -7.17 5.73 0.36
C GLN A 163 -7.51 5.83 1.84
N ALA A 164 -7.12 4.78 2.56
CA ALA A 164 -7.37 4.68 4.00
C ALA A 164 -6.38 5.42 4.88
N ALA A 165 -6.82 5.68 6.11
CA ALA A 165 -6.04 6.39 7.11
C ALA A 165 -4.75 5.68 7.52
N SER A 166 -4.75 4.35 7.47
CA SER A 166 -3.59 3.56 7.85
C SER A 166 -2.34 3.97 7.08
N GLY A 167 -2.52 4.40 5.84
CA GLY A 167 -1.38 4.80 5.04
C GLY A 167 -0.67 6.01 5.62
N ALA A 168 -1.44 6.81 6.36
CA ALA A 168 -0.92 8.02 6.99
C ALA A 168 -0.25 7.70 8.33
N GLY A 169 -0.80 6.72 9.06
CA GLY A 169 -0.23 6.35 10.33
C GLY A 169 -1.27 6.03 11.39
N ALA A 170 -0.81 5.47 12.51
CA ALA A 170 -1.69 5.11 13.62
C ALA A 170 -2.47 6.27 14.21
N LYS A 171 -1.81 7.40 14.45
CA LYS A 171 -2.51 8.55 15.02
C LYS A 171 -3.59 9.04 14.07
N ASN A 172 -3.36 8.89 12.78
CA ASN A 172 -4.34 9.31 11.77
C ASN A 172 -5.58 8.42 11.83
N MET A 173 -5.37 7.12 12.06
CA MET A 173 -6.49 6.18 12.16
C MET A 173 -7.36 6.54 13.37
N ARG A 174 -6.69 6.86 14.47
CA ARG A 174 -7.36 7.21 15.71
C ARG A 174 -8.14 8.52 15.53
N GLU A 175 -7.53 9.46 14.83
CA GLU A 175 -8.16 10.76 14.58
C GLU A 175 -9.44 10.57 13.75
N LEU A 176 -9.37 9.72 12.74
CA LEU A 176 -10.55 9.46 11.91
C LEU A 176 -11.70 8.92 12.78
N LEU A 177 -11.37 7.94 13.61
CA LEU A 177 -12.33 7.32 14.49
C LEU A 177 -12.94 8.33 15.46
N SER A 178 -12.12 9.22 16.01
CA SER A 178 -12.60 10.23 16.93
C SER A 178 -13.55 11.18 16.20
N GLN A 179 -13.19 11.54 14.98
CA GLN A 179 -14.04 12.43 14.19
C GLN A 179 -15.42 11.81 13.96
N MET A 180 -15.44 10.53 13.62
CA MET A 180 -16.72 9.85 13.37
C MET A 180 -17.61 9.93 14.62
N GLY A 181 -17.02 9.62 15.77
CA GLY A 181 -17.77 9.65 17.02
C GLY A 181 -18.39 11.00 17.30
N LEU A 182 -17.59 12.06 17.22
CA LEU A 182 -18.08 13.41 17.46
C LEU A 182 -19.24 13.78 16.53
N LEU A 183 -19.15 13.38 15.26
CA LEU A 183 -20.22 13.69 14.32
C LEU A 183 -21.53 13.07 14.76
N GLU A 184 -21.52 11.79 15.10
CA GLU A 184 -22.74 11.13 15.54
C GLU A 184 -23.19 11.72 16.88
N GLN A 185 -22.23 11.93 17.79
CA GLN A 185 -22.53 12.50 19.09
C GLN A 185 -23.27 13.83 18.98
N ALA A 186 -22.99 14.57 17.91
CA ALA A 186 -23.62 15.87 17.70
C ALA A 186 -25.13 15.79 17.47
N VAL A 187 -25.62 14.60 17.13
CA VAL A 187 -27.04 14.42 16.86
C VAL A 187 -27.56 13.08 17.35
N SER A 188 -26.96 12.55 18.42
CA SER A 188 -27.32 11.26 18.96
C SER A 188 -28.81 11.07 19.27
N SER A 189 -29.40 12.05 19.95
CA SER A 189 -30.82 11.96 20.30
C SER A 189 -31.71 12.09 19.07
N GLU A 190 -31.42 13.06 18.21
CA GLU A 190 -32.23 13.27 17.01
C GLU A 190 -32.25 12.02 16.15
N LEU A 191 -31.13 11.32 16.06
CA LEU A 191 -31.06 10.11 15.26
C LEU A 191 -31.97 9.03 15.82
N LYS A 192 -32.15 9.01 17.13
CA LYS A 192 -33.01 8.02 17.78
C LYS A 192 -34.49 8.33 17.55
N ASP A 193 -34.81 9.61 17.32
CA ASP A 193 -36.18 10.03 17.08
C ASP A 193 -36.53 9.87 15.60
N PRO A 194 -37.21 8.78 15.24
CA PRO A 194 -37.61 8.48 13.86
C PRO A 194 -38.41 9.56 13.12
N ALA A 195 -38.79 10.62 13.82
CA ALA A 195 -39.56 11.69 13.19
C ALA A 195 -38.81 13.01 13.08
N SER A 196 -37.55 13.03 13.52
CA SER A 196 -36.76 14.24 13.48
C SER A 196 -36.36 14.68 12.07
N SER A 197 -36.15 15.99 11.92
CA SER A 197 -35.76 16.61 10.66
C SER A 197 -34.32 16.25 10.25
N ILE A 198 -34.16 15.83 9.01
CA ILE A 198 -32.84 15.45 8.52
C ILE A 198 -31.94 16.65 8.24
N LEU A 199 -32.52 17.76 7.78
CA LEU A 199 -31.71 18.94 7.50
C LEU A 199 -31.21 19.55 8.82
N ASP A 200 -31.98 19.39 9.88
CA ASP A 200 -31.59 19.89 11.20
C ASP A 200 -30.37 19.06 11.61
N ILE A 201 -30.49 17.75 11.47
CA ILE A 201 -29.41 16.82 11.80
C ILE A 201 -28.17 17.22 10.99
N GLU A 202 -28.37 17.40 9.69
CA GLU A 202 -27.32 17.80 8.77
C GLU A 202 -26.59 19.07 9.22
N ARG A 203 -27.35 20.12 9.51
CA ARG A 203 -26.76 21.39 9.95
C ARG A 203 -25.86 21.20 11.16
N LYS A 204 -26.31 20.40 12.13
CA LYS A 204 -25.54 20.16 13.35
C LYS A 204 -24.25 19.39 13.17
N VAL A 205 -24.29 18.33 12.38
CA VAL A 205 -23.08 17.55 12.15
C VAL A 205 -22.07 18.39 11.37
N THR A 206 -22.56 19.17 10.40
CA THR A 206 -21.68 20.01 9.61
C THR A 206 -21.08 21.11 10.49
N ALA A 207 -21.87 21.62 11.42
CA ALA A 207 -21.38 22.67 12.33
C ALA A 207 -20.26 22.10 13.20
N LYS A 208 -20.45 20.89 13.69
CA LYS A 208 -19.45 20.24 14.53
C LYS A 208 -18.19 19.98 13.70
N MET A 209 -18.38 19.49 12.49
CA MET A 209 -17.27 19.20 11.60
C MET A 209 -16.40 20.43 11.39
N ARG A 210 -17.04 21.59 11.38
CA ARG A 210 -16.35 22.86 11.16
C ARG A 210 -15.88 23.56 12.44
N ALA A 211 -16.23 23.00 13.59
CA ALA A 211 -15.86 23.58 14.88
C ALA A 211 -14.36 23.55 15.13
N ASP A 212 -13.86 24.55 15.85
CA ASP A 212 -12.43 24.62 16.14
C ASP A 212 -11.98 23.48 17.04
N ASN A 213 -12.90 22.92 17.80
CA ASN A 213 -12.57 21.81 18.70
C ASN A 213 -12.65 20.44 18.00
N PHE A 214 -12.99 20.44 16.72
CA PHE A 214 -13.04 19.19 15.96
C PHE A 214 -11.58 18.85 15.73
N PRO A 215 -11.14 17.68 16.22
CA PRO A 215 -9.75 17.22 16.10
C PRO A 215 -9.29 16.91 14.68
N THR A 216 -8.51 17.82 14.10
CA THR A 216 -8.01 17.64 12.75
C THR A 216 -6.51 17.90 12.64
N ASP A 217 -5.79 17.78 13.75
CA ASP A 217 -4.35 18.03 13.75
C ASP A 217 -3.52 17.12 12.85
N ASN A 218 -3.88 15.84 12.79
CA ASN A 218 -3.13 14.88 11.98
C ASN A 218 -3.36 14.92 10.47
N PHE A 219 -4.58 15.21 10.06
CA PHE A 219 -4.87 15.31 8.63
C PHE A 219 -4.81 16.74 8.11
N GLY A 220 -4.98 17.70 9.01
CA GLY A 220 -4.97 19.09 8.59
C GLY A 220 -6.33 19.46 8.02
N ALA A 221 -7.28 18.54 8.17
CA ALA A 221 -8.63 18.76 7.67
C ALA A 221 -9.51 17.61 8.15
N ALA A 222 -10.82 17.81 8.11
CA ALA A 222 -11.73 16.75 8.54
C ALA A 222 -11.65 15.62 7.53
N LEU A 223 -11.74 14.38 8.01
CA LEU A 223 -11.72 13.23 7.11
C LEU A 223 -13.06 12.53 7.28
N GLY A 224 -13.43 12.27 8.53
CA GLY A 224 -14.71 11.63 8.79
C GLY A 224 -15.80 12.54 8.26
N GLY A 225 -16.73 11.99 7.49
CA GLY A 225 -17.81 12.80 6.92
C GLY A 225 -17.33 13.66 5.76
N SER A 226 -16.10 13.46 5.32
CA SER A 226 -15.54 14.25 4.23
C SER A 226 -14.50 13.44 3.44
N LEU A 227 -13.55 14.14 2.82
CA LEU A 227 -12.47 13.52 2.06
C LEU A 227 -11.41 14.59 1.84
N ILE A 228 -10.21 14.16 1.48
CA ILE A 228 -9.08 15.07 1.24
C ILE A 228 -8.41 14.68 -0.07
N PRO A 229 -8.60 15.49 -1.13
CA PRO A 229 -8.00 15.21 -2.44
C PRO A 229 -6.52 15.63 -2.51
N TRP A 230 -5.74 15.15 -1.54
CA TRP A 230 -4.33 15.50 -1.51
C TRP A 230 -3.57 14.62 -0.53
N ILE A 231 -2.59 13.90 -1.03
CA ILE A 231 -1.77 13.03 -0.20
C ILE A 231 -0.28 13.25 -0.48
N ASP A 232 0.46 13.58 0.58
CA ASP A 232 1.91 13.84 0.52
C ASP A 232 2.22 15.21 -0.10
N LYS A 233 3.51 15.45 -0.36
CA LYS A 233 3.98 16.73 -0.89
C LYS A 233 3.80 16.99 -2.38
N LEU A 234 3.63 18.26 -2.73
CA LEU A 234 3.47 18.67 -4.11
C LEU A 234 4.83 18.64 -4.81
N LEU A 235 4.86 18.14 -6.03
CA LEU A 235 6.08 18.12 -6.83
C LEU A 235 5.87 19.18 -7.90
N PRO A 236 6.30 20.42 -7.62
CA PRO A 236 6.14 21.53 -8.57
C PRO A 236 6.43 21.19 -10.03
N GLU A 237 7.42 20.33 -10.24
CA GLU A 237 7.81 19.91 -11.59
C GLU A 237 6.65 19.42 -12.46
N THR A 238 5.73 18.66 -11.87
CA THR A 238 4.61 18.10 -12.64
C THR A 238 3.23 18.42 -12.08
N GLY A 239 3.19 18.98 -10.88
CA GLY A 239 1.91 19.31 -10.28
C GLY A 239 1.29 18.15 -9.52
N GLN A 240 1.90 16.97 -9.61
CA GLN A 240 1.38 15.79 -8.91
C GLN A 240 1.88 15.85 -7.48
N THR A 241 1.22 15.08 -6.61
CA THR A 241 1.65 14.99 -5.23
C THR A 241 2.63 13.84 -5.32
N LYS A 242 3.48 13.65 -4.30
CA LYS A 242 4.45 12.55 -4.38
C LYS A 242 3.73 11.20 -4.49
N GLU A 243 2.56 11.10 -3.85
CA GLU A 243 1.77 9.88 -3.88
C GLU A 243 1.35 9.56 -5.31
N GLU A 244 0.88 10.57 -6.03
CA GLU A 244 0.46 10.37 -7.41
C GLU A 244 1.68 10.09 -8.30
N TRP A 245 2.79 10.73 -7.97
CA TRP A 245 4.04 10.59 -8.71
C TRP A 245 4.55 9.14 -8.71
N LYS A 246 4.36 8.46 -7.60
CA LYS A 246 4.82 7.07 -7.46
C LYS A 246 4.11 6.12 -8.40
N GLY A 247 2.95 6.52 -8.89
CA GLY A 247 2.21 5.67 -9.80
C GLY A 247 3.02 5.32 -11.04
N TYR A 248 3.57 6.34 -11.69
CA TYR A 248 4.36 6.13 -12.91
C TYR A 248 5.75 5.62 -12.56
N ALA A 249 6.38 6.27 -11.58
CA ALA A 249 7.72 5.91 -11.14
C ALA A 249 7.85 4.48 -10.64
N GLU A 250 7.04 4.10 -9.65
CA GLU A 250 7.13 2.76 -9.09
C GLU A 250 6.56 1.61 -9.91
N THR A 251 5.48 1.86 -10.65
CA THR A 251 4.88 0.81 -11.48
C THR A 251 5.90 0.28 -12.48
N ASN A 252 6.63 1.19 -13.11
CA ASN A 252 7.60 0.79 -14.10
C ASN A 252 8.89 0.21 -13.53
N LYS A 253 9.32 0.65 -12.35
CA LYS A 253 10.53 0.06 -11.77
C LYS A 253 10.22 -1.34 -11.27
N ILE A 254 9.03 -1.53 -10.72
CA ILE A 254 8.62 -2.84 -10.23
C ILE A 254 8.57 -3.81 -11.39
N LEU A 255 8.06 -3.36 -12.53
CA LEU A 255 7.95 -4.20 -13.71
C LEU A 255 9.25 -4.13 -14.52
N GLY A 256 10.17 -3.27 -14.10
CA GLY A 256 11.44 -3.12 -14.78
C GLY A 256 11.34 -2.63 -16.21
N LEU A 257 10.39 -1.74 -16.47
CA LEU A 257 10.19 -1.21 -17.82
C LEU A 257 10.63 0.24 -17.97
N SER A 258 11.75 0.58 -17.35
CA SER A 258 12.27 1.95 -17.44
C SER A 258 12.73 2.31 -18.85
N ASP A 259 12.60 1.37 -19.77
CA ASP A 259 12.99 1.58 -21.15
C ASP A 259 11.76 1.80 -22.03
N ASN A 260 10.64 1.24 -21.59
CA ASN A 260 9.37 1.37 -22.30
C ASN A 260 8.28 1.60 -21.25
N PRO A 261 8.41 2.69 -20.47
CA PRO A 261 7.47 3.07 -19.40
C PRO A 261 6.00 3.11 -19.82
N ILE A 262 5.14 2.66 -18.92
CA ILE A 262 3.70 2.67 -19.16
C ILE A 262 3.12 3.80 -18.31
N PRO A 263 2.48 4.77 -18.95
CA PRO A 263 1.89 5.90 -18.22
C PRO A 263 0.87 5.49 -17.16
N VAL A 264 1.06 6.01 -15.94
CA VAL A 264 0.17 5.76 -14.82
C VAL A 264 0.05 7.09 -14.09
N ASP A 265 -1.14 7.66 -14.11
CA ASP A 265 -1.35 8.95 -13.46
C ASP A 265 -2.80 9.08 -12.98
N GLY A 266 -3.03 9.99 -12.04
CA GLY A 266 -4.37 10.17 -11.53
C GLY A 266 -4.39 11.02 -10.28
N LEU A 267 -5.48 10.92 -9.52
CA LEU A 267 -5.64 11.69 -8.30
C LEU A 267 -5.77 10.74 -7.09
N CYS A 268 -4.96 10.97 -6.07
CA CYS A 268 -4.99 10.14 -4.87
C CYS A 268 -5.75 10.91 -3.79
N VAL A 269 -6.88 10.34 -3.38
CA VAL A 269 -7.74 10.98 -2.39
C VAL A 269 -7.93 10.15 -1.13
N ARG A 270 -7.88 10.83 0.01
CA ARG A 270 -8.05 10.18 1.30
C ARG A 270 -9.54 10.17 1.65
N ILE A 271 -10.04 9.03 2.12
CA ILE A 271 -11.44 8.93 2.53
C ILE A 271 -11.44 8.32 3.94
N GLY A 272 -12.60 8.26 4.58
CA GLY A 272 -12.67 7.73 5.93
C GLY A 272 -12.75 6.21 6.07
N ALA A 273 -11.69 5.52 5.67
CA ALA A 273 -11.63 4.07 5.76
C ALA A 273 -10.39 3.80 6.61
N LEU A 274 -10.42 2.74 7.42
CA LEU A 274 -9.28 2.46 8.30
C LEU A 274 -8.00 1.94 7.67
N ARG A 275 -8.05 0.79 6.98
CA ARG A 275 -6.82 0.24 6.38
C ARG A 275 -6.89 -0.37 4.98
N CYS A 276 -7.98 -0.16 4.25
CA CYS A 276 -8.09 -0.67 2.89
C CYS A 276 -8.07 0.45 1.87
N HIS A 277 -7.19 0.36 0.88
CA HIS A 277 -7.15 1.35 -0.19
C HIS A 277 -8.01 0.78 -1.32
N SER A 278 -8.79 1.64 -1.95
CA SER A 278 -9.64 1.22 -3.07
C SER A 278 -9.25 2.10 -4.25
N GLN A 279 -9.49 1.63 -5.47
CA GLN A 279 -9.11 2.40 -6.65
C GLN A 279 -10.03 2.20 -7.84
N ALA A 280 -10.40 3.30 -8.49
CA ALA A 280 -11.25 3.24 -9.69
C ALA A 280 -10.29 3.43 -10.87
N PHE A 281 -10.35 2.51 -11.82
CA PHE A 281 -9.46 2.53 -12.98
C PHE A 281 -10.14 2.76 -14.33
N THR A 282 -9.40 3.40 -15.21
CA THR A 282 -9.80 3.62 -16.61
C THR A 282 -8.55 3.10 -17.30
N ILE A 283 -8.63 1.86 -17.78
CA ILE A 283 -7.48 1.23 -18.42
C ILE A 283 -7.60 1.18 -19.94
N LYS A 284 -6.70 1.92 -20.61
CA LYS A 284 -6.68 1.92 -22.06
C LYS A 284 -5.88 0.72 -22.54
N LEU A 285 -6.56 -0.28 -23.08
CA LEU A 285 -5.90 -1.48 -23.58
C LEU A 285 -5.34 -1.26 -24.99
N LYS A 286 -4.22 -1.90 -25.27
CA LYS A 286 -3.55 -1.80 -26.58
C LYS A 286 -4.35 -2.44 -27.72
N LYS A 287 -5.22 -3.38 -27.39
CA LYS A 287 -6.02 -4.04 -28.42
C LYS A 287 -7.42 -4.36 -27.94
N ASP A 288 -8.36 -4.45 -28.88
CA ASP A 288 -9.76 -4.75 -28.58
C ASP A 288 -9.89 -6.22 -28.22
N LEU A 289 -10.28 -6.51 -26.99
CA LEU A 289 -10.45 -7.89 -26.55
C LEU A 289 -11.78 -8.11 -25.83
N PRO A 290 -12.30 -9.35 -25.87
CA PRO A 290 -13.56 -9.74 -25.23
C PRO A 290 -13.49 -9.68 -23.70
N LEU A 291 -14.49 -9.01 -23.10
CA LEU A 291 -14.56 -8.86 -21.65
C LEU A 291 -14.27 -10.18 -20.93
N GLU A 292 -14.92 -11.25 -21.39
CA GLU A 292 -14.74 -12.56 -20.77
C GLU A 292 -13.27 -12.96 -20.76
N GLU A 293 -12.56 -12.61 -21.82
CA GLU A 293 -11.13 -12.93 -21.94
C GLU A 293 -10.31 -12.03 -21.03
N ILE A 294 -10.75 -10.79 -20.88
CA ILE A 294 -10.04 -9.86 -20.01
C ILE A 294 -10.17 -10.39 -18.59
N GLU A 295 -11.39 -10.77 -18.23
CA GLU A 295 -11.67 -11.29 -16.89
C GLU A 295 -10.85 -12.53 -16.56
N GLN A 296 -10.68 -13.42 -17.54
CA GLN A 296 -9.92 -14.64 -17.34
C GLN A 296 -8.45 -14.31 -17.12
N ILE A 297 -7.93 -13.41 -17.93
CA ILE A 297 -6.53 -13.00 -17.84
C ILE A 297 -6.24 -12.40 -16.46
N ILE A 298 -7.15 -11.56 -15.98
CA ILE A 298 -6.97 -10.92 -14.69
C ILE A 298 -6.97 -11.93 -13.54
N ALA A 299 -7.97 -12.80 -13.53
CA ALA A 299 -8.09 -13.79 -12.46
C ALA A 299 -7.00 -14.86 -12.44
N SER A 300 -6.25 -14.97 -13.53
CA SER A 300 -5.20 -15.99 -13.63
C SER A 300 -3.80 -15.53 -13.23
N HIS A 301 -3.58 -14.23 -13.13
CA HIS A 301 -2.25 -13.72 -12.77
C HIS A 301 -1.72 -14.25 -11.44
N ASN A 302 -2.54 -14.23 -10.40
CA ASN A 302 -2.09 -14.71 -9.09
C ASN A 302 -3.26 -15.30 -8.31
N GLU A 303 -2.94 -16.00 -7.23
CA GLU A 303 -3.97 -16.64 -6.42
C GLU A 303 -4.73 -15.72 -5.47
N TRP A 304 -4.28 -14.47 -5.34
CA TRP A 304 -4.96 -13.55 -4.43
C TRP A 304 -5.99 -12.66 -5.11
N VAL A 305 -5.74 -12.30 -6.36
CA VAL A 305 -6.69 -11.48 -7.11
C VAL A 305 -8.00 -12.27 -7.20
N LYS A 306 -9.12 -11.57 -7.11
CA LYS A 306 -10.44 -12.20 -7.15
C LYS A 306 -11.40 -11.36 -8.00
N VAL A 307 -11.77 -11.88 -9.17
CA VAL A 307 -12.66 -11.17 -10.08
C VAL A 307 -14.11 -11.24 -9.63
N ILE A 308 -14.68 -10.10 -9.26
CA ILE A 308 -16.05 -10.01 -8.78
C ILE A 308 -17.02 -9.71 -9.92
N PRO A 309 -18.02 -10.60 -10.11
CA PRO A 309 -19.01 -10.42 -11.17
C PRO A 309 -19.65 -9.03 -11.07
N ASN A 310 -19.88 -8.40 -12.22
CA ASN A 310 -20.48 -7.07 -12.27
C ASN A 310 -21.96 -7.14 -11.88
N ASP A 311 -22.22 -7.69 -10.70
CA ASP A 311 -23.56 -7.85 -10.16
C ASP A 311 -23.68 -7.06 -8.85
N LYS A 312 -24.81 -6.39 -8.67
CA LYS A 312 -25.02 -5.59 -7.47
C LYS A 312 -24.85 -6.29 -6.12
N GLU A 313 -25.65 -7.33 -5.90
CA GLU A 313 -25.60 -8.07 -4.65
C GLU A 313 -24.22 -8.58 -4.29
N ILE A 314 -23.54 -9.19 -5.25
CA ILE A 314 -22.20 -9.72 -5.00
C ILE A 314 -21.17 -8.60 -4.84
N THR A 315 -21.33 -7.53 -5.60
CA THR A 315 -20.41 -6.40 -5.50
C THR A 315 -20.46 -5.82 -4.09
N LEU A 316 -21.67 -5.65 -3.57
CA LEU A 316 -21.85 -5.11 -2.22
C LEU A 316 -21.30 -6.01 -1.11
N ARG A 317 -21.17 -7.30 -1.40
CA ARG A 317 -20.65 -8.22 -0.40
C ARG A 317 -19.16 -8.47 -0.51
N GLU A 318 -18.60 -8.30 -1.70
CA GLU A 318 -17.19 -8.60 -1.92
C GLU A 318 -16.24 -7.44 -2.22
N LEU A 319 -16.71 -6.45 -2.96
CA LEU A 319 -15.87 -5.34 -3.38
C LEU A 319 -15.88 -4.12 -2.47
N THR A 320 -15.51 -4.30 -1.20
CA THR A 320 -15.52 -3.21 -0.23
C THR A 320 -14.50 -3.37 0.90
N PRO A 321 -14.09 -2.24 1.50
CA PRO A 321 -13.12 -2.29 2.60
C PRO A 321 -13.64 -3.22 3.70
N ALA A 322 -14.94 -3.17 3.96
CA ALA A 322 -15.58 -4.00 4.98
C ALA A 322 -15.26 -5.48 4.79
N LYS A 323 -15.33 -5.93 3.54
CA LYS A 323 -15.06 -7.32 3.24
C LYS A 323 -13.57 -7.67 3.24
N VAL A 324 -12.77 -6.81 2.63
CA VAL A 324 -11.33 -7.07 2.50
C VAL A 324 -10.42 -6.81 3.70
N THR A 325 -10.76 -5.81 4.52
CA THR A 325 -9.92 -5.48 5.67
C THR A 325 -9.32 -6.67 6.43
N GLY A 326 -8.00 -6.67 6.56
CA GLY A 326 -7.33 -7.72 7.29
C GLY A 326 -7.15 -9.05 6.58
N THR A 327 -7.44 -9.09 5.28
CA THR A 327 -7.27 -10.31 4.51
C THR A 327 -6.32 -10.05 3.36
N LEU A 328 -5.81 -11.14 2.78
CA LEU A 328 -4.87 -11.07 1.66
C LEU A 328 -5.58 -11.05 0.31
N SER A 329 -6.91 -11.08 0.34
CA SER A 329 -7.69 -11.08 -0.88
C SER A 329 -7.68 -9.72 -1.58
N VAL A 330 -7.57 -9.75 -2.91
CA VAL A 330 -7.55 -8.52 -3.68
C VAL A 330 -8.64 -8.56 -4.75
N PRO A 331 -9.89 -8.26 -4.37
CA PRO A 331 -10.98 -8.28 -5.33
C PRO A 331 -10.92 -7.14 -6.34
N VAL A 332 -11.32 -7.45 -7.57
CA VAL A 332 -11.36 -6.47 -8.65
C VAL A 332 -12.67 -6.75 -9.39
N GLY A 333 -13.49 -5.72 -9.57
CA GLY A 333 -14.77 -5.89 -10.24
C GLY A 333 -15.21 -4.68 -11.02
N ARG A 334 -16.51 -4.60 -11.31
CA ARG A 334 -17.09 -3.49 -12.09
C ARG A 334 -16.42 -3.46 -13.46
N LEU A 335 -15.96 -4.62 -13.91
CA LEU A 335 -15.29 -4.73 -15.20
C LEU A 335 -16.27 -4.67 -16.37
N ARG A 336 -15.98 -3.76 -17.29
CA ARG A 336 -16.79 -3.60 -18.51
C ARG A 336 -16.05 -2.62 -19.42
N LYS A 337 -16.56 -2.46 -20.64
CA LYS A 337 -15.95 -1.55 -21.59
C LYS A 337 -16.54 -0.16 -21.40
N LEU A 338 -15.71 0.87 -21.57
CA LEU A 338 -16.17 2.25 -21.42
C LEU A 338 -16.69 2.84 -22.74
N ALA A 339 -17.41 3.95 -22.63
CA ALA A 339 -17.99 4.62 -23.79
C ALA A 339 -16.97 5.27 -24.71
N MET A 340 -15.71 5.35 -24.29
CA MET A 340 -14.68 5.94 -25.14
C MET A 340 -14.24 4.94 -26.21
N GLY A 341 -14.62 3.68 -26.04
CA GLY A 341 -14.24 2.67 -27.00
C GLY A 341 -14.02 1.30 -26.39
N PRO A 342 -14.12 0.22 -27.19
CA PRO A 342 -13.94 -1.16 -26.75
C PRO A 342 -12.54 -1.49 -26.26
N GLU A 343 -11.64 -0.51 -26.31
CA GLU A 343 -10.27 -0.70 -25.85
C GLU A 343 -10.07 0.08 -24.55
N TYR A 344 -11.18 0.54 -23.98
CA TYR A 344 -11.17 1.28 -22.72
C TYR A 344 -11.87 0.40 -21.70
N LEU A 345 -11.12 0.01 -20.67
CA LEU A 345 -11.64 -0.87 -19.63
C LEU A 345 -11.86 -0.17 -18.30
N ALA A 346 -12.98 -0.47 -17.67
CA ALA A 346 -13.30 0.10 -16.36
C ALA A 346 -13.01 -0.97 -15.32
N ALA A 347 -12.48 -0.57 -14.17
CA ALA A 347 -12.17 -1.53 -13.12
C ALA A 347 -12.07 -0.88 -11.74
N PHE A 348 -12.56 -1.58 -10.73
CA PHE A 348 -12.53 -1.10 -9.34
C PHE A 348 -11.94 -2.22 -8.48
N THR A 349 -10.99 -1.87 -7.61
CA THR A 349 -10.38 -2.87 -6.74
C THR A 349 -10.24 -2.37 -5.31
N VAL A 350 -10.21 -3.31 -4.38
CA VAL A 350 -10.06 -3.01 -2.96
C VAL A 350 -8.95 -3.90 -2.43
N GLY A 351 -8.06 -3.34 -1.62
CA GLY A 351 -6.97 -4.13 -1.07
C GLY A 351 -6.53 -3.59 0.28
N ASP A 352 -6.10 -4.47 1.17
CA ASP A 352 -5.62 -4.07 2.48
C ASP A 352 -4.25 -3.42 2.37
N GLN A 353 -4.16 -2.18 2.85
CA GLN A 353 -2.93 -1.39 2.78
C GLN A 353 -1.75 -1.90 3.60
N LEU A 354 -2.04 -2.49 4.75
CA LEU A 354 -0.98 -2.99 5.61
C LEU A 354 -0.42 -4.36 5.20
N LEU A 355 -1.15 -5.11 4.38
CA LEU A 355 -0.68 -6.43 3.96
C LEU A 355 0.07 -6.39 2.63
N TRP A 356 -0.62 -6.57 1.50
CA TRP A 356 0.06 -6.51 0.22
C TRP A 356 0.63 -5.11 -0.01
N GLY A 357 0.06 -4.14 0.70
CA GLY A 357 0.51 -2.77 0.58
C GLY A 357 1.69 -2.42 1.48
N ALA A 358 2.15 -3.36 2.30
CA ALA A 358 3.26 -3.08 3.20
C ALA A 358 4.02 -4.29 3.76
N ALA A 359 3.42 -4.98 4.73
CA ALA A 359 4.08 -6.11 5.37
C ALA A 359 4.31 -7.38 4.55
N GLU A 360 3.32 -7.78 3.75
CA GLU A 360 3.44 -9.02 2.99
C GLU A 360 4.62 -9.10 2.03
N PRO A 361 4.78 -8.10 1.13
CA PRO A 361 5.92 -8.17 0.19
C PRO A 361 7.24 -8.26 0.93
N VAL A 362 7.30 -7.64 2.11
CA VAL A 362 8.51 -7.67 2.92
C VAL A 362 8.74 -9.08 3.48
N ARG A 363 7.67 -9.68 4.00
CA ARG A 363 7.73 -11.03 4.57
C ARG A 363 8.11 -12.06 3.50
N ARG A 364 7.56 -11.89 2.30
CA ARG A 364 7.82 -12.83 1.22
C ARG A 364 9.23 -12.75 0.63
N ILE A 365 9.85 -11.58 0.63
CA ILE A 365 11.19 -11.50 0.10
C ILE A 365 12.15 -12.06 1.14
N LEU A 366 11.85 -11.83 2.41
CA LEU A 366 12.68 -12.35 3.49
C LEU A 366 12.69 -13.86 3.40
N LYS A 367 11.50 -14.43 3.25
CA LYS A 367 11.36 -15.88 3.14
C LYS A 367 12.31 -16.42 2.08
N GLN A 368 12.33 -15.77 0.92
CA GLN A 368 13.20 -16.17 -0.17
C GLN A 368 14.67 -16.11 0.22
N LEU A 369 15.07 -14.99 0.82
CA LEU A 369 16.46 -14.78 1.23
C LEU A 369 16.99 -15.76 2.27
N VAL A 370 16.12 -16.32 3.11
CA VAL A 370 16.56 -17.25 4.15
C VAL A 370 16.41 -18.72 3.76
N ALA A 371 15.87 -18.98 2.58
CA ALA A 371 15.68 -20.34 2.13
C ALA A 371 17.03 -21.00 1.83
#